data_3S4K
#
_entry.id   3S4K
#
_cell.length_a   41.722
_cell.length_b   50.642
_cell.length_c   60.506
_cell.angle_alpha   90.000
_cell.angle_beta   92.760
_cell.angle_gamma   90.000
#
_symmetry.space_group_name_H-M   'P 1 2 1'
#
loop_
_entity.id
_entity.type
_entity.pdbx_description
1 polymer 'Putative esterase Rv1847/MT1895'
2 non-polymer 1,2-ETHANEDIOL
3 non-polymer 'CHLORIDE ION'
4 non-polymer 'SULFATE ION'
5 water water
#
_entity_poly.entity_id   1
_entity_poly.type   'polypeptide(L)'
_entity_poly.pdbx_seq_one_letter_code
;GPGSMQPSPDSPAPLNVTVPFDSELGLQFTELGPDGARAQLDVRPKLLQLTGVVHGGVYCAMIESIASMAAFAWLNSHGE
GGSVVGVNNNTDFVRSISSGMVYGTAEPLHRGRRQQLWLVTITDDTDRVVARGQVRLQNLEARP
;
_entity_poly.pdbx_strand_id   A,B
#
loop_
_chem_comp.id
_chem_comp.type
_chem_comp.name
_chem_comp.formula
CL non-polymer 'CHLORIDE ION' 'Cl -1'
EDO non-polymer 1,2-ETHANEDIOL 'C2 H6 O2'
SO4 non-polymer 'SULFATE ION' 'O4 S -2'
#
# COMPACT_ATOMS: atom_id res chain seq x y z
N VAL A 19 -10.86 -10.89 -6.81
CA VAL A 19 -10.61 -10.16 -5.53
C VAL A 19 -11.15 -8.74 -5.72
N PRO A 20 -12.12 -8.31 -4.89
CA PRO A 20 -12.79 -7.05 -5.20
C PRO A 20 -11.88 -5.86 -5.42
N PHE A 21 -10.94 -5.59 -4.50
CA PHE A 21 -10.08 -4.42 -4.68
C PHE A 21 -9.18 -4.55 -5.91
N ASP A 22 -8.81 -5.78 -6.28
CA ASP A 22 -8.00 -5.96 -7.48
C ASP A 22 -8.78 -5.48 -8.71
N SER A 23 -10.09 -5.70 -8.72
CA SER A 23 -10.90 -5.19 -9.84
C SER A 23 -10.84 -3.67 -9.94
N GLU A 24 -10.82 -2.98 -8.80
CA GLU A 24 -10.69 -1.53 -8.80
C GLU A 24 -9.35 -1.06 -9.34
N LEU A 25 -8.30 -1.82 -9.04
CA LEU A 25 -6.96 -1.53 -9.52
C LEU A 25 -6.80 -1.83 -11.01
N GLY A 26 -7.62 -2.74 -11.54
CA GLY A 26 -7.41 -3.27 -12.90
C GLY A 26 -6.34 -4.36 -12.94
N LEU A 27 -6.11 -5.01 -11.80
CA LEU A 27 -5.04 -5.99 -11.68
C LEU A 27 -5.49 -7.32 -12.26
N GLN A 28 -4.73 -7.86 -13.20
CA GLN A 28 -5.04 -9.12 -13.89
C GLN A 28 -3.86 -10.08 -13.75
N PHE A 29 -4.10 -11.27 -13.19
CA PHE A 29 -3.01 -12.25 -12.99
C PHE A 29 -2.77 -13.03 -14.25
N THR A 30 -1.49 -13.26 -14.53
CA THR A 30 -1.06 -14.07 -15.67
C THR A 30 -0.47 -15.42 -15.28
N GLU A 31 0.11 -15.50 -14.09
CA GLU A 31 0.66 -16.76 -13.55
C GLU A 31 0.37 -16.86 -12.07
N LEU A 32 0.06 -18.08 -11.64
CA LEU A 32 -0.18 -18.35 -10.23
C LEU A 32 0.14 -19.82 -9.92
N GLY A 33 1.09 -20.04 -9.00
CA GLY A 33 1.43 -21.37 -8.55
C GLY A 33 2.22 -21.33 -7.26
N PRO A 34 2.67 -22.50 -6.79
CA PRO A 34 3.40 -22.59 -5.52
C PRO A 34 4.71 -21.82 -5.48
N ASP A 35 5.34 -21.60 -6.62
CA ASP A 35 6.64 -20.90 -6.60
C ASP A 35 6.55 -19.43 -6.91
N GLY A 36 5.34 -18.95 -7.19
CA GLY A 36 5.13 -17.54 -7.42
C GLY A 36 3.88 -17.17 -8.19
N ALA A 37 3.76 -15.87 -8.43
CA ALA A 37 2.68 -15.28 -9.19
C ALA A 37 3.13 -14.04 -9.93
N ARG A 38 2.39 -13.74 -10.98
CA ARG A 38 2.63 -12.55 -11.81
C ARG A 38 1.29 -11.91 -12.17
N ALA A 39 1.25 -10.58 -12.12
CA ALA A 39 0.06 -9.84 -12.50
C ALA A 39 0.43 -8.47 -13.00
N GLN A 40 -0.54 -7.81 -13.61
CA GLN A 40 -0.26 -6.59 -14.34
C GLN A 40 -1.46 -5.67 -14.32
N LEU A 41 -1.20 -4.37 -14.42
CA LEU A 41 -2.28 -3.40 -14.56
C LEU A 41 -1.85 -2.25 -15.46
N ASP A 42 -2.86 -1.58 -16.02
CA ASP A 42 -2.65 -0.41 -16.84
C ASP A 42 -2.73 0.79 -15.93
N VAL A 43 -1.74 1.68 -16.02
CA VAL A 43 -1.80 2.93 -15.27
C VAL A 43 -2.81 3.86 -15.91
N ARG A 44 -3.88 4.15 -15.18
CA ARG A 44 -4.95 5.03 -15.64
C ARG A 44 -5.00 6.28 -14.77
N PRO A 45 -5.66 7.35 -15.25
CA PRO A 45 -5.71 8.58 -14.47
C PRO A 45 -6.20 8.44 -13.03
N LYS A 46 -7.16 7.54 -12.78
CA LYS A 46 -7.67 7.31 -11.44
CA LYS A 46 -7.67 7.33 -11.43
C LYS A 46 -6.64 6.75 -10.47
N LEU A 47 -5.51 6.29 -11.00
CA LEU A 47 -4.47 5.67 -10.18
C LEU A 47 -3.34 6.63 -9.81
N LEU A 48 -3.51 7.89 -10.20
CA LEU A 48 -2.47 8.88 -10.05
C LEU A 48 -2.69 9.69 -8.77
N GLN A 49 -1.64 10.36 -8.34
CA GLN A 49 -1.74 11.26 -7.22
C GLN A 49 -1.68 12.69 -7.73
N LEU A 50 -1.43 13.60 -6.79
CA LEU A 50 -1.61 15.04 -6.97
C LEU A 50 -0.86 15.57 -8.17
N THR A 51 0.34 15.02 -8.36
CA THR A 51 1.29 15.56 -9.30
C THR A 51 1.34 14.76 -10.59
N GLY A 52 0.37 13.87 -10.77
CA GLY A 52 0.21 13.21 -12.04
C GLY A 52 1.08 11.98 -12.25
N VAL A 53 1.61 11.40 -11.16
CA VAL A 53 2.33 10.15 -11.23
C VAL A 53 1.60 9.09 -10.38
N VAL A 54 1.94 7.82 -10.55
CA VAL A 54 1.22 6.75 -9.88
C VAL A 54 1.28 6.94 -8.36
N HIS A 55 0.13 6.84 -7.69
CA HIS A 55 0.03 6.85 -6.22
C HIS A 55 0.78 5.63 -5.67
N GLY A 56 1.73 5.86 -4.77
CA GLY A 56 2.52 4.77 -4.21
C GLY A 56 1.69 3.62 -3.65
N GLY A 57 0.56 3.98 -3.07
CA GLY A 57 -0.44 3.00 -2.60
C GLY A 57 -0.84 1.96 -3.61
N VAL A 58 -0.86 2.32 -4.89
CA VAL A 58 -1.20 1.38 -5.97
C VAL A 58 -0.19 0.25 -6.03
N TYR A 59 1.09 0.62 -5.99
CA TYR A 59 2.18 -0.36 -5.95
C TYR A 59 2.16 -1.18 -4.66
N CYS A 60 2.02 -0.53 -3.51
CA CYS A 60 1.78 -1.28 -2.28
C CYS A 60 0.71 -2.35 -2.41
N ALA A 61 -0.42 -1.98 -3.01
CA ALA A 61 -1.55 -2.87 -3.14
C ALA A 61 -1.29 -4.03 -4.10
N MET A 62 -0.66 -3.70 -5.21
CA MET A 62 -0.23 -4.69 -6.21
CA MET A 62 -0.29 -4.69 -6.20
C MET A 62 0.68 -5.72 -5.58
N ILE A 63 1.66 -5.23 -4.84
CA ILE A 63 2.64 -6.07 -4.15
C ILE A 63 1.91 -6.96 -3.16
N GLU A 64 0.96 -6.39 -2.43
CA GLU A 64 0.20 -7.17 -1.44
C GLU A 64 -0.60 -8.31 -2.08
N SER A 65 -1.29 -8.00 -3.18
CA SER A 65 -2.11 -8.97 -3.90
CA SER A 65 -2.11 -8.98 -3.86
C SER A 65 -1.29 -10.12 -4.48
N ILE A 66 -0.23 -9.77 -5.18
CA ILE A 66 0.55 -10.81 -5.89
C ILE A 66 1.20 -11.75 -4.89
N ALA A 67 1.80 -11.18 -3.84
CA ALA A 67 2.39 -11.96 -2.74
C ALA A 67 1.38 -12.85 -2.03
N SER A 68 0.22 -12.29 -1.66
CA SER A 68 -0.77 -13.07 -0.92
C SER A 68 -1.30 -14.23 -1.75
N MET A 69 -1.48 -14.04 -3.07
CA MET A 69 -2.00 -15.12 -3.89
C MET A 69 -0.95 -16.23 -4.07
N ALA A 70 0.31 -15.84 -4.25
CA ALA A 70 1.41 -16.81 -4.31
C ALA A 70 1.45 -17.61 -2.99
N ALA A 71 1.31 -16.89 -1.88
CA ALA A 71 1.39 -17.51 -0.56
C ALA A 71 0.27 -18.51 -0.34
N PHE A 72 -0.93 -18.15 -0.76
CA PHE A 72 -2.05 -19.05 -0.64
C PHE A 72 -1.85 -20.29 -1.52
N ALA A 73 -1.36 -20.07 -2.74
CA ALA A 73 -1.09 -21.19 -3.63
C ALA A 73 -0.07 -22.15 -3.06
N TRP A 74 1.01 -21.63 -2.48
CA TRP A 74 2.01 -22.52 -1.90
C TRP A 74 1.43 -23.27 -0.70
N LEU A 75 0.73 -22.57 0.19
CA LEU A 75 0.25 -23.21 1.40
C LEU A 75 -0.66 -24.40 1.06
N ASN A 76 -1.44 -24.25 0.01
CA ASN A 76 -2.45 -25.25 -0.35
C ASN A 76 -1.98 -26.24 -1.41
N SER A 77 -0.69 -26.20 -1.71
CA SER A 77 -0.06 -27.14 -2.62
C SER A 77 0.42 -28.38 -1.87
N GLU A 80 -1.26 -30.01 4.92
CA GLU A 80 -2.54 -29.74 5.56
C GLU A 80 -3.31 -28.57 4.92
N GLY A 81 -2.58 -27.53 4.51
CA GLY A 81 -3.17 -26.36 3.85
C GLY A 81 -3.63 -25.32 4.85
N GLY A 82 -4.53 -24.43 4.42
CA GLY A 82 -5.08 -23.35 5.25
C GLY A 82 -5.26 -22.04 4.50
N SER A 83 -5.14 -20.93 5.21
CA SER A 83 -5.26 -19.61 4.60
C SER A 83 -4.11 -18.73 5.07
N VAL A 84 -4.05 -17.54 4.52
CA VAL A 84 -2.97 -16.59 4.87
C VAL A 84 -3.51 -15.23 5.23
N VAL A 85 -2.75 -14.52 6.05
CA VAL A 85 -3.08 -13.17 6.43
C VAL A 85 -1.82 -12.34 6.41
N GLY A 86 -1.88 -11.18 5.74
CA GLY A 86 -0.71 -10.32 5.76
C GLY A 86 -0.43 -9.76 7.14
N VAL A 87 0.85 -9.66 7.49
CA VAL A 87 1.22 -8.90 8.70
C VAL A 87 2.16 -7.74 8.44
N ASN A 88 2.98 -7.78 7.39
CA ASN A 88 3.82 -6.61 7.09
C ASN A 88 4.03 -6.48 5.59
N ASN A 89 3.99 -5.25 5.12
CA ASN A 89 4.24 -4.92 3.71
C ASN A 89 5.22 -3.76 3.68
N ASN A 90 6.39 -3.99 3.10
CA ASN A 90 7.48 -3.02 3.11
C ASN A 90 7.91 -2.81 1.68
N THR A 91 7.49 -1.65 1.14
CA THR A 91 7.63 -1.34 -0.28
C THR A 91 8.56 -0.16 -0.47
N ASP A 92 9.49 -0.30 -1.40
CA ASP A 92 10.39 0.78 -1.79
C ASP A 92 9.93 1.27 -3.14
N PHE A 93 9.82 2.59 -3.26
CA PHE A 93 9.45 3.25 -4.49
C PHE A 93 10.72 3.69 -5.20
N VAL A 94 10.81 3.38 -6.48
CA VAL A 94 12.03 3.57 -7.22
C VAL A 94 11.95 4.63 -8.31
N ARG A 95 10.85 4.65 -9.08
CA ARG A 95 10.74 5.52 -10.26
CA ARG A 95 10.74 5.47 -10.29
C ARG A 95 9.29 5.93 -10.46
N SER A 96 9.11 7.20 -10.80
CA SER A 96 7.80 7.81 -11.05
C SER A 96 7.43 7.77 -12.54
N ILE A 97 6.30 7.15 -12.83
CA ILE A 97 5.73 7.12 -14.18
C ILE A 97 4.26 7.59 -14.12
N SER A 98 3.70 7.90 -15.29
CA SER A 98 2.37 8.49 -15.41
C SER A 98 1.37 7.72 -16.29
N SER A 99 1.87 6.71 -17.00
CA SER A 99 1.06 5.94 -17.94
C SER A 99 1.73 4.63 -18.34
N GLY A 100 1.01 3.81 -19.10
CA GLY A 100 1.51 2.51 -19.58
C GLY A 100 1.23 1.39 -18.60
N MET A 101 1.61 0.18 -18.99
CA MET A 101 1.39 -1.03 -18.18
C MET A 101 2.54 -1.20 -17.19
N VAL A 102 2.22 -1.77 -16.03
CA VAL A 102 3.21 -2.21 -15.04
C VAL A 102 2.94 -3.67 -14.74
N TYR A 103 4.01 -4.39 -14.39
CA TYR A 103 4.02 -5.83 -14.32
C TYR A 103 4.76 -6.24 -13.05
N GLY A 104 4.14 -7.05 -12.20
CA GLY A 104 4.78 -7.56 -11.00
C GLY A 104 5.02 -9.06 -10.98
N THR A 105 6.13 -9.48 -10.39
CA THR A 105 6.44 -10.89 -10.18
C THR A 105 6.79 -11.11 -8.72
N ALA A 106 6.20 -12.13 -8.10
CA ALA A 106 6.52 -12.55 -6.74
C ALA A 106 7.46 -13.75 -6.79
N GLU A 107 8.53 -13.67 -5.98
CA GLU A 107 9.50 -14.75 -5.74
C GLU A 107 9.56 -15.02 -4.26
N PRO A 108 9.77 -16.28 -3.86
CA PRO A 108 9.79 -16.61 -2.45
C PRO A 108 11.12 -16.34 -1.75
N LEU A 109 11.02 -15.73 -0.57
CA LEU A 109 12.17 -15.56 0.31
C LEU A 109 12.20 -16.56 1.47
N HIS A 110 11.03 -16.86 2.03
CA HIS A 110 10.90 -17.85 3.11
C HIS A 110 9.52 -18.44 3.05
N ARG A 111 9.44 -19.77 3.16
CA ARG A 111 8.14 -20.43 3.21
C ARG A 111 8.22 -21.54 4.25
N GLY A 112 7.57 -21.32 5.39
CA GLY A 112 7.67 -22.23 6.52
C GLY A 112 6.30 -22.57 7.06
N ARG A 113 6.30 -23.29 8.17
CA ARG A 113 5.06 -23.70 8.81
C ARG A 113 4.24 -22.51 9.27
N ARG A 114 4.86 -21.57 9.97
CA ARG A 114 4.10 -20.47 10.56
C ARG A 114 3.97 -19.24 9.68
N GLN A 115 5.04 -18.91 8.95
CA GLN A 115 5.07 -17.66 8.13
C GLN A 115 5.64 -17.87 6.73
N GLN A 116 5.34 -16.91 5.86
CA GLN A 116 5.96 -16.77 4.57
C GLN A 116 6.43 -15.35 4.36
N LEU A 117 7.48 -15.23 3.55
CA LEU A 117 8.01 -13.96 3.16
C LEU A 117 8.20 -14.01 1.63
N TRP A 118 7.57 -13.07 0.91
CA TRP A 118 7.62 -12.99 -0.55
C TRP A 118 8.16 -11.64 -1.02
N LEU A 119 8.97 -11.65 -2.08
CA LEU A 119 9.46 -10.44 -2.76
C LEU A 119 8.66 -10.22 -4.05
N VAL A 120 8.19 -9.00 -4.24
CA VAL A 120 7.48 -8.63 -5.46
C VAL A 120 8.18 -7.43 -6.08
N THR A 121 8.50 -7.54 -7.37
CA THR A 121 9.19 -6.49 -8.11
C THR A 121 8.25 -6.02 -9.22
N ILE A 122 8.05 -4.72 -9.30
CA ILE A 122 7.18 -4.11 -10.31
CA ILE A 122 7.17 -4.11 -10.31
C ILE A 122 8.01 -3.37 -11.34
N THR A 123 7.85 -3.73 -12.61
CA THR A 123 8.54 -3.08 -13.73
C THR A 123 7.59 -2.38 -14.69
N ASP A 124 8.11 -1.41 -15.45
CA ASP A 124 7.32 -0.70 -16.46
C ASP A 124 7.63 -1.26 -17.86
N ASP A 125 7.08 -0.63 -18.89
CA ASP A 125 7.27 -1.18 -20.25
C ASP A 125 8.66 -0.97 -20.89
N THR A 126 9.62 -0.44 -20.12
CA THR A 126 11.03 -0.40 -20.52
C THR A 126 11.92 -1.29 -19.64
N ASP A 127 11.28 -2.15 -18.85
CA ASP A 127 11.92 -3.07 -17.90
C ASP A 127 12.73 -2.32 -16.88
N ARG A 128 12.22 -1.15 -16.48
CA ARG A 128 12.79 -0.44 -15.34
C ARG A 128 11.93 -0.71 -14.10
N VAL A 129 12.59 -0.93 -12.98
CA VAL A 129 11.88 -1.15 -11.73
C VAL A 129 11.26 0.16 -11.27
N VAL A 130 9.96 0.12 -11.00
CA VAL A 130 9.21 1.25 -10.45
C VAL A 130 8.96 1.12 -8.95
N ALA A 131 8.80 -0.09 -8.45
CA ALA A 131 8.62 -0.37 -7.01
C ALA A 131 9.03 -1.81 -6.73
N ARG A 132 9.41 -2.09 -5.48
CA ARG A 132 9.85 -3.43 -5.07
C ARG A 132 9.50 -3.55 -3.61
N GLY A 133 8.95 -4.68 -3.19
CA GLY A 133 8.47 -4.80 -1.82
C GLY A 133 8.50 -6.23 -1.30
N GLN A 134 8.45 -6.37 0.02
CA GLN A 134 8.40 -7.67 0.65
C GLN A 134 7.20 -7.73 1.53
N VAL A 135 6.48 -8.85 1.45
CA VAL A 135 5.29 -9.07 2.23
C VAL A 135 5.48 -10.27 3.14
N ARG A 136 5.21 -10.07 4.43
CA ARG A 136 5.28 -11.11 5.44
C ARG A 136 3.86 -11.54 5.76
N LEU A 137 3.61 -12.85 5.70
CA LEU A 137 2.29 -13.41 5.93
C LEU A 137 2.33 -14.46 7.04
N GLN A 138 1.24 -14.56 7.77
CA GLN A 138 0.98 -15.68 8.66
C GLN A 138 0.18 -16.76 7.95
N ASN A 139 0.59 -18.01 8.11
CA ASN A 139 -0.23 -19.15 7.69
C ASN A 139 -1.24 -19.46 8.79
N LEU A 140 -2.49 -19.64 8.43
CA LEU A 140 -3.57 -19.93 9.36
C LEU A 140 -4.06 -21.33 9.08
N GLU A 141 -4.29 -22.11 10.13
CA GLU A 141 -4.67 -23.51 9.93
C GLU A 141 -6.08 -23.66 9.39
N ALA A 142 -6.31 -24.83 8.81
CA ALA A 142 -7.61 -25.24 8.30
C ALA A 142 -8.21 -26.24 9.28
N ARG A 143 -9.53 -26.47 9.17
CA ARG A 143 -10.13 -27.54 9.96
C ARG A 143 -9.69 -28.88 9.37
N PRO A 144 -9.09 -29.76 10.18
CA PRO A 144 -8.71 -31.09 9.73
C PRO A 144 -9.92 -31.97 9.48
N VAL B 19 -6.80 14.54 -5.05
CA VAL B 19 -5.83 13.43 -5.31
C VAL B 19 -6.59 12.30 -5.98
N PRO B 20 -6.29 11.98 -7.25
CA PRO B 20 -7.16 11.02 -7.91
C PRO B 20 -7.36 9.72 -7.17
N PHE B 21 -6.30 8.99 -6.82
CA PHE B 21 -6.49 7.68 -6.22
C PHE B 21 -7.24 7.78 -4.90
N ASP B 22 -7.06 8.89 -4.18
CA ASP B 22 -7.80 9.04 -2.93
C ASP B 22 -9.30 9.02 -3.17
N SER B 23 -9.73 9.57 -4.31
CA SER B 23 -11.16 9.57 -4.65
CA SER B 23 -11.16 9.58 -4.60
C SER B 23 -11.71 8.17 -4.80
N GLU B 24 -10.89 7.27 -5.36
CA GLU B 24 -11.27 5.88 -5.50
C GLU B 24 -11.39 5.20 -4.14
N LEU B 25 -10.50 5.54 -3.21
CA LEU B 25 -10.51 4.99 -1.87
C LEU B 25 -11.67 5.54 -1.06
N GLY B 26 -12.18 6.72 -1.43
CA GLY B 26 -13.15 7.43 -0.58
C GLY B 26 -12.49 8.17 0.58
N LEU B 27 -11.20 8.48 0.43
CA LEU B 27 -10.41 9.12 1.51
C LEU B 27 -10.70 10.60 1.61
N GLN B 28 -11.13 11.05 2.79
CA GLN B 28 -11.47 12.45 3.03
C GLN B 28 -10.66 12.98 4.20
N PHE B 29 -9.96 14.09 3.97
CA PHE B 29 -9.08 14.69 5.02
C PHE B 29 -9.90 15.57 5.92
N THR B 30 -9.62 15.47 7.21
CA THR B 30 -10.26 16.29 8.25
C THR B 30 -9.29 17.33 8.86
N GLU B 31 -8.01 17.02 8.90
CA GLU B 31 -6.97 17.93 9.38
C GLU B 31 -5.73 17.85 8.50
N LEU B 32 -5.07 18.97 8.32
CA LEU B 32 -3.84 19.04 7.51
C LEU B 32 -3.02 20.29 7.91
N GLY B 33 -1.79 20.07 8.37
CA GLY B 33 -0.89 21.16 8.72
C GLY B 33 0.53 20.64 8.90
N PRO B 34 1.43 21.53 9.33
CA PRO B 34 2.85 21.17 9.47
C PRO B 34 3.16 20.07 10.48
N ASP B 35 2.30 19.88 11.47
CA ASP B 35 2.54 18.87 12.51
C ASP B 35 1.83 17.57 12.26
N GLY B 36 1.07 17.50 11.17
CA GLY B 36 0.31 16.30 10.86
C GLY B 36 -0.94 16.47 10.05
N ALA B 37 -1.58 15.33 9.84
CA ALA B 37 -2.81 15.22 9.09
C ALA B 37 -3.64 14.05 9.54
N ARG B 38 -4.93 14.16 9.27
CA ARG B 38 -5.89 13.13 9.59
C ARG B 38 -6.89 12.97 8.45
N ALA B 39 -7.24 11.72 8.15
CA ALA B 39 -8.20 11.43 7.09
C ALA B 39 -8.91 10.13 7.37
N GLN B 40 -10.03 9.94 6.68
CA GLN B 40 -10.93 8.84 6.99
C GLN B 40 -11.59 8.30 5.75
N LEU B 41 -11.97 7.04 5.80
CA LEU B 41 -12.76 6.45 4.72
C LEU B 41 -13.69 5.40 5.27
N ASP B 42 -14.75 5.16 4.50
CA ASP B 42 -15.74 4.15 4.79
C ASP B 42 -15.32 2.86 4.09
N VAL B 43 -15.31 1.78 4.84
CA VAL B 43 -15.03 0.49 4.25
C VAL B 43 -16.23 0.08 3.42
N ARG B 44 -15.98 -0.19 2.15
CA ARG B 44 -17.02 -0.58 1.22
C ARG B 44 -16.64 -1.94 0.60
N PRO B 45 -17.61 -2.65 0.02
CA PRO B 45 -17.30 -3.97 -0.57
C PRO B 45 -16.19 -4.00 -1.60
N LYS B 46 -16.06 -2.92 -2.39
CA LYS B 46 -15.01 -2.86 -3.41
C LYS B 46 -13.61 -2.76 -2.82
N LEU B 47 -13.53 -2.46 -1.53
CA LEU B 47 -12.25 -2.35 -0.84
C LEU B 47 -11.77 -3.63 -0.14
N LEU B 48 -12.50 -4.72 -0.35
CA LEU B 48 -12.24 -5.96 0.37
C LEU B 48 -11.43 -6.94 -0.48
N GLN B 49 -10.97 -8.00 0.16
CA GLN B 49 -10.30 -9.06 -0.55
C GLN B 49 -11.24 -10.30 -0.52
N LEU B 50 -10.74 -11.50 -0.83
CA LEU B 50 -11.64 -12.65 -1.08
C LEU B 50 -12.35 -13.22 0.14
N THR B 51 -11.77 -12.99 1.33
CA THR B 51 -12.39 -13.47 2.56
C THR B 51 -13.25 -12.38 3.20
N GLY B 52 -13.45 -11.28 2.46
CA GLY B 52 -14.40 -10.25 2.84
C GLY B 52 -13.94 -9.32 3.94
N VAL B 53 -12.62 -9.16 4.07
CA VAL B 53 -12.05 -8.16 4.97
C VAL B 53 -11.26 -7.15 4.14
N VAL B 54 -10.86 -6.03 4.75
CA VAL B 54 -10.22 -4.96 3.99
C VAL B 54 -8.92 -5.46 3.34
N HIS B 55 -8.73 -5.18 2.06
CA HIS B 55 -7.47 -5.43 1.36
C HIS B 55 -6.36 -4.61 1.99
N GLY B 56 -5.27 -5.26 2.39
CA GLY B 56 -4.15 -4.54 3.03
C GLY B 56 -3.63 -3.32 2.28
N GLY B 57 -3.63 -3.43 0.97
CA GLY B 57 -3.30 -2.32 0.08
C GLY B 57 -4.06 -1.04 0.34
N VAL B 58 -5.33 -1.16 0.76
CA VAL B 58 -6.12 0.03 1.10
C VAL B 58 -5.46 0.81 2.23
N TYR B 59 -5.04 0.09 3.26
CA TYR B 59 -4.35 0.73 4.38
C TYR B 59 -2.98 1.25 3.99
N CYS B 60 -2.20 0.48 3.25
CA CYS B 60 -0.94 1.02 2.72
C CYS B 60 -1.16 2.36 2.02
N ALA B 61 -2.23 2.43 1.22
CA ALA B 61 -2.51 3.61 0.42
C ALA B 61 -2.94 4.79 1.27
N MET B 62 -3.80 4.51 2.22
CA MET B 62 -4.23 5.50 3.21
CA MET B 62 -4.23 5.52 3.18
C MET B 62 -3.04 6.09 3.97
N ILE B 63 -2.19 5.21 4.44
CA ILE B 63 -0.96 5.60 5.12
C ILE B 63 -0.09 6.47 4.22
N GLU B 64 0.07 6.08 2.97
CA GLU B 64 0.89 6.85 2.05
C GLU B 64 0.33 8.26 1.81
N SER B 65 -0.97 8.36 1.59
CA SER B 65 -1.64 9.63 1.36
CA SER B 65 -1.58 9.63 1.32
C SER B 65 -1.53 10.57 2.54
N ILE B 66 -1.88 10.07 3.72
CA ILE B 66 -1.91 10.94 4.91
C ILE B 66 -0.50 11.44 5.26
N ALA B 67 0.48 10.56 5.22
CA ALA B 67 1.87 10.95 5.47
C ALA B 67 2.39 11.95 4.43
N SER B 68 2.15 11.66 3.16
CA SER B 68 2.64 12.52 2.08
CA SER B 68 2.66 12.52 2.09
C SER B 68 2.08 13.94 2.18
N MET B 69 0.78 14.06 2.52
CA MET B 69 0.17 15.38 2.59
C MET B 69 0.73 16.15 3.79
N ALA B 70 0.89 15.47 4.92
CA ALA B 70 1.53 16.10 6.08
C ALA B 70 2.96 16.58 5.72
N ALA B 71 3.69 15.72 5.02
CA ALA B 71 5.07 16.05 4.66
C ALA B 71 5.14 17.28 3.77
N PHE B 72 4.23 17.36 2.79
CA PHE B 72 4.18 18.51 1.91
C PHE B 72 3.82 19.76 2.71
N ALA B 73 2.86 19.64 3.62
CA ALA B 73 2.45 20.79 4.42
C ALA B 73 3.61 21.31 5.27
N TRP B 74 4.36 20.39 5.87
CA TRP B 74 5.49 20.80 6.68
C TRP B 74 6.57 21.48 5.82
N LEU B 75 6.93 20.86 4.71
CA LEU B 75 8.01 21.37 3.89
C LEU B 75 7.72 22.78 3.44
N ASN B 76 6.44 23.06 3.16
CA ASN B 76 6.05 24.36 2.63
C ASN B 76 5.56 25.37 3.67
N SER B 77 5.77 25.03 4.93
CA SER B 77 5.41 25.90 6.04
C SER B 77 6.59 26.79 6.40
N GLU B 80 12.11 27.70 2.56
CA GLU B 80 12.42 27.54 1.13
C GLU B 80 11.39 26.70 0.37
N GLY B 81 10.89 25.62 0.98
CA GLY B 81 9.79 24.84 0.41
C GLY B 81 10.25 23.80 -0.60
N GLY B 82 9.31 23.34 -1.42
CA GLY B 82 9.55 22.30 -2.41
C GLY B 82 8.43 21.26 -2.48
N SER B 83 8.79 20.07 -2.95
CA SER B 83 7.84 18.97 -3.10
C SER B 83 8.41 17.75 -2.37
N VAL B 84 7.62 16.70 -2.30
CA VAL B 84 8.04 15.45 -1.63
C VAL B 84 7.77 14.25 -2.51
N VAL B 85 8.61 13.23 -2.35
CA VAL B 85 8.44 11.95 -3.05
C VAL B 85 8.65 10.82 -2.08
N GLY B 86 7.73 9.86 -2.11
CA GLY B 86 7.84 8.71 -1.23
C GLY B 86 9.00 7.84 -1.66
N VAL B 87 9.78 7.36 -0.69
CA VAL B 87 10.76 6.31 -1.00
C VAL B 87 10.52 4.96 -0.31
N ASN B 88 9.88 4.94 0.85
CA ASN B 88 9.61 3.66 1.57
C ASN B 88 8.33 3.77 2.37
N ASN B 89 7.51 2.74 2.29
CA ASN B 89 6.27 2.63 3.05
C ASN B 89 6.28 1.25 3.71
N ASN B 90 6.29 1.25 5.03
CA ASN B 90 6.42 0.04 5.82
C ASN B 90 5.21 -0.04 6.72
N THR B 91 4.27 -0.93 6.37
CA THR B 91 2.97 -1.00 7.02
C THR B 91 2.79 -2.35 7.72
N ASP B 92 2.37 -2.28 8.99
CA ASP B 92 2.01 -3.47 9.75
C ASP B 92 0.51 -3.56 9.82
N PHE B 93 0.02 -4.76 9.52
CA PHE B 93 -1.40 -5.05 9.58
C PHE B 93 -1.71 -5.68 10.93
N VAL B 94 -2.70 -5.12 11.62
CA VAL B 94 -2.99 -5.52 13.00
C VAL B 94 -4.30 -6.31 13.17
N ARG B 95 -5.38 -5.85 12.53
N ARG B 95 -5.38 -5.83 12.55
CA ARG B 95 -6.71 -6.41 12.79
CA ARG B 95 -6.72 -6.39 12.78
C ARG B 95 -7.57 -6.36 11.53
C ARG B 95 -7.56 -6.36 11.52
N SER B 96 -8.30 -7.45 11.28
CA SER B 96 -9.14 -7.61 10.09
C SER B 96 -10.58 -7.20 10.41
N ILE B 97 -11.09 -6.26 9.62
CA ILE B 97 -12.49 -5.82 9.71
C ILE B 97 -13.12 -5.82 8.32
N SER B 98 -14.45 -5.72 8.29
CA SER B 98 -15.23 -5.88 7.06
CA SER B 98 -15.23 -5.89 7.06
C SER B 98 -16.14 -4.70 6.72
N SER B 99 -16.27 -3.75 7.65
CA SER B 99 -17.18 -2.62 7.47
C SER B 99 -16.91 -1.52 8.49
N GLY B 100 -17.60 -0.41 8.29
CA GLY B 100 -17.44 0.75 9.16
C GLY B 100 -16.39 1.72 8.66
N MET B 101 -16.29 2.82 9.39
CA MET B 101 -15.30 3.85 9.10
C MET B 101 -13.95 3.48 9.71
N VAL B 102 -12.89 3.84 8.99
CA VAL B 102 -11.51 3.82 9.52
C VAL B 102 -10.91 5.23 9.45
N TYR B 103 -10.01 5.51 10.38
CA TYR B 103 -9.52 6.86 10.66
C TYR B 103 -8.01 6.79 10.84
N GLY B 104 -7.29 7.60 10.08
CA GLY B 104 -5.81 7.69 10.23
C GLY B 104 -5.31 9.03 10.70
N THR B 105 -4.26 9.00 11.50
CA THR B 105 -3.58 10.17 11.97
C THR B 105 -2.09 10.02 11.71
N ALA B 106 -1.48 11.04 11.11
CA ALA B 106 -0.02 11.08 10.89
C ALA B 106 0.65 11.94 11.95
N GLU B 107 1.73 11.40 12.51
CA GLU B 107 2.60 12.13 13.43
C GLU B 107 4.05 12.03 13.00
N PRO B 108 4.81 13.10 13.23
CA PRO B 108 6.16 13.16 12.71
C PRO B 108 7.19 12.38 13.53
N LEU B 109 8.03 11.63 12.86
CA LEU B 109 9.19 10.99 13.49
C LEU B 109 10.51 11.70 13.23
N HIS B 110 10.70 12.21 12.01
CA HIS B 110 11.89 12.94 11.62
C HIS B 110 11.48 13.92 10.54
N ARG B 111 11.88 15.17 10.68
CA ARG B 111 11.68 16.14 9.61
C ARG B 111 12.95 16.97 9.44
N GLY B 112 13.67 16.75 8.35
CA GLY B 112 14.97 17.38 8.11
C GLY B 112 15.07 17.99 6.72
N ARG B 113 16.26 18.45 6.39
CA ARG B 113 16.48 19.07 5.09
C ARG B 113 16.24 18.09 3.95
N ARG B 114 16.84 16.89 4.02
CA ARG B 114 16.74 15.94 2.90
C ARG B 114 15.54 15.00 2.94
N GLN B 115 15.18 14.53 4.15
CA GLN B 115 14.14 13.49 4.27
C GLN B 115 13.17 13.77 5.40
N GLN B 116 12.02 13.10 5.36
CA GLN B 116 11.06 13.10 6.44
C GLN B 116 10.61 11.66 6.67
N LEU B 117 10.25 11.39 7.91
CA LEU B 117 9.72 10.09 8.29
C LEU B 117 8.43 10.36 9.07
N TRP B 118 7.31 9.73 8.69
CA TRP B 118 6.03 9.99 9.33
C TRP B 118 5.41 8.67 9.76
N LEU B 119 4.75 8.66 10.91
CA LEU B 119 4.01 7.52 11.39
C LEU B 119 2.52 7.76 11.18
N VAL B 120 1.82 6.79 10.62
CA VAL B 120 0.37 6.87 10.44
C VAL B 120 -0.29 5.67 11.12
N THR B 121 -1.30 5.92 11.96
CA THR B 121 -1.98 4.86 12.72
C THR B 121 -3.45 4.90 12.28
N ILE B 122 -3.98 3.75 11.86
CA ILE B 122 -5.36 3.62 11.42
C ILE B 122 -6.18 2.87 12.46
N THR B 123 -7.26 3.47 12.93
CA THR B 123 -8.17 2.85 13.89
C THR B 123 -9.56 2.65 13.32
N ASP B 124 -10.29 1.71 13.92
CA ASP B 124 -11.68 1.50 13.56
C ASP B 124 -12.64 2.20 14.52
N ASP B 125 -13.94 1.97 14.35
CA ASP B 125 -14.94 2.69 15.17
C ASP B 125 -15.04 2.20 16.62
N THR B 126 -14.19 1.26 17.02
CA THR B 126 -14.03 0.90 18.42
C THR B 126 -12.66 1.35 19.01
N ASP B 127 -11.95 2.21 18.29
CA ASP B 127 -10.62 2.68 18.67
C ASP B 127 -9.63 1.54 18.81
N ARG B 128 -9.82 0.52 17.99
CA ARG B 128 -8.83 -0.54 17.84
C ARG B 128 -7.95 -0.24 16.62
N VAL B 129 -6.64 -0.47 16.76
CA VAL B 129 -5.73 -0.26 15.65
C VAL B 129 -5.91 -1.40 14.65
N VAL B 130 -6.10 -1.06 13.37
CA VAL B 130 -6.23 -2.03 12.30
C VAL B 130 -4.97 -2.12 11.45
N ALA B 131 -4.26 -1.01 11.33
CA ALA B 131 -2.96 -0.95 10.61
C ALA B 131 -2.15 0.25 11.09
N ARG B 132 -0.83 0.15 11.00
N ARG B 132 -0.84 0.19 10.89
CA ARG B 132 0.04 1.28 11.34
CA ARG B 132 0.07 1.19 11.37
C ARG B 132 1.29 1.18 10.50
C ARG B 132 1.29 1.16 10.47
N GLY B 133 1.76 2.31 10.01
CA GLY B 133 2.87 2.32 9.05
C GLY B 133 3.73 3.55 9.13
N GLN B 134 4.93 3.44 8.58
CA GLN B 134 5.86 4.57 8.51
C GLN B 134 6.24 4.81 7.08
N VAL B 135 6.24 6.09 6.70
CA VAL B 135 6.54 6.49 5.35
C VAL B 135 7.74 7.39 5.37
N ARG B 136 8.75 7.03 4.57
CA ARG B 136 9.97 7.83 4.42
C ARG B 136 9.87 8.57 3.10
N LEU B 137 10.09 9.89 3.14
CA LEU B 137 10.00 10.72 1.95
C LEU B 137 11.29 11.50 1.73
N GLN B 138 11.59 11.77 0.47
CA GLN B 138 12.61 12.74 0.08
C GLN B 138 11.98 14.11 -0.14
N ASN B 139 12.61 15.14 0.39
CA ASN B 139 12.29 16.51 0.05
C ASN B 139 13.01 16.88 -1.25
N LEU B 140 12.26 17.48 -2.17
CA LEU B 140 12.77 17.91 -3.47
C LEU B 140 12.75 19.42 -3.51
N GLU B 141 13.83 20.02 -3.96
CA GLU B 141 13.92 21.48 -3.99
C GLU B 141 12.97 22.12 -4.97
N ALA B 142 12.68 23.38 -4.67
CA ALA B 142 11.94 24.27 -5.54
C ALA B 142 12.90 25.20 -6.28
N ARG B 143 12.44 25.79 -7.36
CA ARG B 143 13.22 26.82 -8.03
C ARG B 143 13.23 28.09 -7.17
N PRO B 144 14.43 28.61 -6.84
CA PRO B 144 14.53 29.82 -6.03
C PRO B 144 14.11 31.04 -6.83
C1 EDO C . -3.85 -8.37 5.78
O1 EDO C . -4.11 -9.45 4.86
C2 EDO C . -5.15 -7.64 6.14
O2 EDO C . -5.95 -8.37 7.09
C1 EDO D . 14.77 3.64 -4.21
O1 EDO D . 13.75 3.42 -3.25
C2 EDO D . 14.95 5.13 -4.47
O2 EDO D . 15.42 5.79 -3.28
CL CL E . 3.43 -16.67 13.60
CL CL F . -3.31 -17.31 -13.65
S SO4 G . 11.87 -20.95 0.68
O1 SO4 G . 10.95 -19.95 0.16
O2 SO4 G . 11.62 -22.21 -0.04
O3 SO4 G . 13.23 -20.49 0.37
O4 SO4 G . 11.78 -21.16 2.16
C1 EDO H . 6.16 7.72 -4.43
O1 EDO H . 5.62 9.00 -4.03
C2 EDO H . 5.88 7.44 -5.90
O2 EDO H . 6.56 8.35 -6.78
C1 EDO I . 0.10 -8.48 14.08
O1 EDO I . 1.18 -9.40 13.94
C2 EDO I . 0.62 -7.05 14.09
O2 EDO I . 1.14 -6.67 12.81
CL CL J . 18.15 12.06 0.33
S SO4 K . 10.89 16.02 14.02
O1 SO4 K . 10.49 17.42 14.28
O2 SO4 K . 9.92 15.44 13.12
O3 SO4 K . 12.29 15.95 13.51
O4 SO4 K . 10.77 15.25 15.26
CL CL L . -8.26 19.50 5.83
#